data_4HC5
#
_entry.id   4HC5
#
_cell.length_a   105.883
_cell.length_b   71.023
_cell.length_c   86.698
_cell.angle_alpha   90.00
_cell.angle_beta   90.00
_cell.angle_gamma   90.00
#
_symmetry.space_group_name_H-M   'P 21 21 2'
#
loop_
_entity.id
_entity.type
_entity.pdbx_description
1 polymer 'Glyoxalase/bleomycin resistance protein/dioxygenase'
2 non-polymer GLYCEROL
3 water water
#
_entity_poly.entity_id   1
_entity_poly.type   'polypeptide(L)'
_entity_poly.pdbx_seq_one_letter_code
;SNA(MSE)RKGSL(MSE)IAYVHSATIIVSDQEKALDFYVNTLGFEKVFDNQLDPN(MSE)RFVTVVPPGAQTQVALGLP
SWYEDGRKPGGYTGISLITRDIDEAYKTLTERGVTFTKPPE(MSE)(MSE)PWGQRATWFSDPDGNQFFLVEE
;
_entity_poly.pdbx_strand_id   A,B,C,D
#
# COMPACT_ATOMS: atom_id res chain seq x y z
N SER A 8 -8.44 9.86 -29.00
CA SER A 8 -9.29 9.15 -28.02
C SER A 8 -8.58 7.85 -27.57
N LEU A 9 -8.69 7.59 -26.27
CA LEU A 9 -8.28 6.33 -25.67
C LEU A 9 -9.18 5.27 -26.18
N ILE A 11 -10.17 2.95 -24.28
CA ILE A 11 -11.04 2.73 -23.12
C ILE A 11 -10.86 3.79 -22.06
N ALA A 12 -11.95 4.46 -21.69
CA ALA A 12 -11.94 5.55 -20.70
C ALA A 12 -11.94 5.02 -19.26
N TYR A 13 -12.80 4.05 -18.98
CA TYR A 13 -12.92 3.51 -17.62
C TYR A 13 -13.76 2.24 -17.62
N VAL A 14 -13.69 1.54 -16.50
CA VAL A 14 -14.57 0.40 -16.20
C VAL A 14 -15.91 0.95 -15.72
N HIS A 15 -16.99 0.69 -16.48
CA HIS A 15 -18.31 1.14 -16.08
C HIS A 15 -18.81 0.41 -14.82
N SER A 16 -18.67 -0.90 -14.84
CA SER A 16 -19.29 -1.76 -13.82
C SER A 16 -18.69 -3.16 -13.92
N ALA A 17 -18.75 -3.83 -12.77
CA ALA A 17 -18.53 -5.29 -12.66
C ALA A 17 -19.84 -5.86 -12.06
N THR A 18 -20.01 -7.14 -12.19
CA THR A 18 -21.25 -7.79 -11.81
C THR A 18 -21.05 -8.84 -10.71
N ILE A 19 -22.02 -8.82 -9.79
CA ILE A 19 -22.08 -9.96 -8.81
C ILE A 19 -23.44 -10.65 -9.08
N ILE A 20 -23.54 -11.86 -8.64
CA ILE A 20 -24.76 -12.68 -8.76
C ILE A 20 -25.42 -12.77 -7.39
N VAL A 21 -26.70 -12.42 -7.41
CA VAL A 21 -27.54 -12.41 -6.22
C VAL A 21 -28.79 -13.27 -6.48
N SER A 22 -29.49 -13.64 -5.40
CA SER A 22 -30.71 -14.45 -5.58
C SER A 22 -31.99 -13.62 -5.72
N ASP A 23 -31.93 -12.37 -5.24
CA ASP A 23 -33.07 -11.49 -5.18
C ASP A 23 -32.56 -10.07 -5.28
N GLN A 24 -32.95 -9.45 -6.37
CA GLN A 24 -32.48 -8.08 -6.63
C GLN A 24 -32.96 -7.06 -5.59
N GLU A 25 -34.22 -7.09 -5.19
CA GLU A 25 -34.74 -6.17 -4.18
C GLU A 25 -34.05 -6.30 -2.86
N LYS A 26 -33.84 -7.54 -2.41
CA LYS A 26 -33.16 -7.76 -1.13
C LYS A 26 -31.71 -7.34 -1.24
N ALA A 27 -31.10 -7.59 -2.40
CA ALA A 27 -29.71 -7.18 -2.59
C ALA A 27 -29.57 -5.67 -2.56
N LEU A 28 -30.53 -4.97 -3.18
CA LEU A 28 -30.54 -3.50 -3.11
C LEU A 28 -30.59 -3.05 -1.65
N ASP A 29 -31.47 -3.67 -0.87
CA ASP A 29 -31.59 -3.24 0.53
C ASP A 29 -30.23 -3.34 1.22
N PHE A 30 -29.56 -4.46 1.01
CA PHE A 30 -28.30 -4.73 1.64
C PHE A 30 -27.22 -3.69 1.20
N TYR A 31 -27.01 -3.60 -0.11
CA TYR A 31 -25.95 -2.72 -0.64
C TYR A 31 -26.24 -1.26 -0.31
N VAL A 32 -27.49 -0.81 -0.41
CA VAL A 32 -27.82 0.58 -0.18
C VAL A 32 -27.87 0.85 1.36
N ASN A 33 -28.69 0.11 2.09
CA ASN A 33 -28.93 0.44 3.51
C ASN A 33 -27.89 -0.06 4.48
N THR A 34 -27.30 -1.18 4.16
CA THR A 34 -26.25 -1.73 5.01
C THR A 34 -24.84 -1.24 4.63
N LEU A 35 -24.47 -1.33 3.35
CA LEU A 35 -23.15 -0.89 2.90
C LEU A 35 -23.04 0.56 2.56
N GLY A 36 -24.15 1.23 2.41
CA GLY A 36 -24.10 2.68 2.12
C GLY A 36 -23.91 3.07 0.66
N PHE A 37 -24.09 2.10 -0.24
CA PHE A 37 -24.02 2.44 -1.67
C PHE A 37 -25.30 3.22 -2.06
N GLU A 38 -25.24 3.81 -3.26
CA GLU A 38 -26.37 4.49 -3.87
C GLU A 38 -26.83 3.69 -5.11
N LYS A 39 -28.13 3.59 -5.29
CA LYS A 39 -28.69 2.92 -6.50
C LYS A 39 -28.45 3.89 -7.65
N VAL A 40 -28.07 3.31 -8.79
CA VAL A 40 -27.98 4.06 -10.04
C VAL A 40 -28.99 3.53 -11.05
N PHE A 41 -28.65 2.44 -11.75
CA PHE A 41 -29.59 1.84 -12.66
C PHE A 41 -30.65 1.01 -11.95
N ASP A 42 -31.86 1.09 -12.53
CA ASP A 42 -32.97 0.19 -12.22
C ASP A 42 -33.96 0.31 -13.37
N ASN A 43 -33.63 -0.46 -14.38
CA ASN A 43 -34.25 -0.37 -15.69
C ASN A 43 -34.41 -1.70 -16.40
N GLN A 44 -35.60 -1.90 -16.98
CA GLN A 44 -35.79 -3.12 -17.85
C GLN A 44 -35.14 -2.93 -19.22
N LEU A 45 -34.00 -3.55 -19.43
CA LEU A 45 -33.38 -3.45 -20.73
C LEU A 45 -34.18 -4.29 -21.69
N ASP A 46 -34.79 -5.35 -21.18
CA ASP A 46 -35.76 -6.21 -21.87
C ASP A 46 -36.67 -6.91 -20.86
N PRO A 47 -37.70 -7.76 -21.34
CA PRO A 47 -38.63 -8.23 -20.29
C PRO A 47 -38.08 -9.21 -19.25
N ASN A 48 -36.96 -9.80 -19.58
CA ASN A 48 -36.20 -10.75 -18.72
C ASN A 48 -34.90 -10.28 -17.99
N ARG A 50 -33.92 -6.91 -15.57
CA ARG A 50 -34.04 -5.70 -14.79
C ARG A 50 -32.59 -5.39 -14.42
N PHE A 51 -32.04 -4.43 -15.12
CA PHE A 51 -30.67 -4.02 -14.96
C PHE A 51 -30.58 -3.07 -13.77
N VAL A 52 -29.86 -3.55 -12.70
CA VAL A 52 -29.79 -2.85 -11.41
C VAL A 52 -28.33 -2.70 -11.08
N THR A 53 -27.94 -1.45 -10.75
CA THR A 53 -26.61 -1.21 -10.27
C THR A 53 -26.59 -0.29 -9.03
N VAL A 54 -25.49 -0.42 -8.27
CA VAL A 54 -25.23 0.36 -7.09
C VAL A 54 -23.77 0.87 -7.15
N VAL A 55 -23.53 1.99 -6.45
CA VAL A 55 -22.19 2.60 -6.49
C VAL A 55 -21.83 3.15 -5.10
N PRO A 56 -20.55 3.02 -4.71
CA PRO A 56 -20.16 3.76 -3.52
C PRO A 56 -20.31 5.25 -3.73
N PRO A 57 -20.75 5.97 -2.72
CA PRO A 57 -21.03 7.43 -2.93
C PRO A 57 -19.84 8.20 -3.46
N GLY A 58 -20.09 8.93 -4.53
CA GLY A 58 -19.03 9.70 -5.20
C GLY A 58 -18.04 8.98 -6.12
N ALA A 59 -18.17 7.64 -6.21
CA ALA A 59 -17.24 6.82 -6.97
C ALA A 59 -17.67 6.61 -8.40
N GLN A 60 -16.71 6.22 -9.23
CA GLN A 60 -16.99 6.04 -10.70
C GLN A 60 -17.64 4.66 -11.05
N THR A 61 -16.95 3.60 -10.72
CA THR A 61 -17.31 2.24 -11.14
C THR A 61 -18.47 1.70 -10.24
N GLN A 62 -19.46 1.16 -10.90
CA GLN A 62 -20.67 0.59 -10.30
C GLN A 62 -20.53 -0.93 -10.15
N VAL A 63 -21.40 -1.51 -9.34
CA VAL A 63 -21.55 -2.96 -9.24
C VAL A 63 -23.00 -3.30 -9.67
N ALA A 64 -23.11 -4.16 -10.70
CA ALA A 64 -24.39 -4.64 -11.19
C ALA A 64 -24.79 -5.87 -10.28
N LEU A 65 -26.08 -5.82 -9.93
CA LEU A 65 -26.67 -6.90 -9.09
C LEU A 65 -27.44 -7.80 -10.03
N GLY A 66 -26.72 -8.78 -10.56
CA GLY A 66 -27.23 -9.70 -11.56
C GLY A 66 -27.92 -10.94 -10.93
N LEU A 67 -28.68 -11.64 -11.75
CA LEU A 67 -29.33 -12.89 -11.35
C LEU A 67 -28.77 -14.07 -12.10
N PRO A 68 -28.83 -15.29 -11.55
CA PRO A 68 -28.42 -16.41 -12.32
C PRO A 68 -29.09 -16.50 -13.68
N SER A 69 -30.35 -16.10 -13.70
CA SER A 69 -31.11 -16.16 -14.96
C SER A 69 -30.63 -15.28 -16.09
N TRP A 70 -29.79 -14.32 -15.76
CA TRP A 70 -29.14 -13.50 -16.79
C TRP A 70 -28.21 -14.28 -17.69
N TYR A 71 -27.76 -15.45 -17.24
CA TYR A 71 -26.63 -16.16 -17.83
C TYR A 71 -26.96 -17.57 -18.29
N GLU A 72 -26.17 -18.05 -19.25
CA GLU A 72 -26.35 -19.37 -19.84
C GLU A 72 -25.37 -20.38 -19.30
N ASP A 73 -24.41 -19.95 -18.50
CA ASP A 73 -23.39 -20.84 -18.02
C ASP A 73 -23.51 -21.37 -16.61
N GLY A 74 -24.64 -21.14 -15.96
CA GLY A 74 -24.83 -21.67 -14.63
C GLY A 74 -24.18 -20.93 -13.48
N ARG A 75 -23.66 -19.74 -13.70
CA ARG A 75 -23.09 -18.98 -12.63
C ARG A 75 -24.15 -18.63 -11.60
N LYS A 76 -23.76 -18.75 -10.34
CA LYS A 76 -24.68 -18.64 -9.22
C LYS A 76 -24.09 -17.75 -8.11
N PRO A 77 -24.91 -17.32 -7.15
CA PRO A 77 -24.36 -16.55 -6.09
C PRO A 77 -23.39 -17.32 -5.21
N GLY A 78 -22.53 -16.57 -4.51
CA GLY A 78 -21.70 -17.11 -3.45
C GLY A 78 -20.25 -17.33 -3.88
N GLY A 79 -19.36 -17.18 -2.94
CA GLY A 79 -17.97 -17.37 -3.21
C GLY A 79 -17.21 -16.09 -3.41
N TYR A 80 -15.93 -16.25 -3.71
CA TYR A 80 -15.06 -15.12 -4.01
C TYR A 80 -15.50 -14.38 -5.22
N THR A 81 -15.74 -13.08 -5.08
CA THR A 81 -16.19 -12.27 -6.20
C THR A 81 -15.02 -11.80 -7.05
N GLY A 82 -13.85 -11.79 -6.47
CA GLY A 82 -12.69 -11.16 -7.16
C GLY A 82 -12.76 -9.66 -7.08
N ILE A 83 -13.72 -9.11 -6.33
CA ILE A 83 -13.88 -7.64 -6.14
C ILE A 83 -13.26 -7.27 -4.81
N SER A 84 -12.40 -6.25 -4.88
CA SER A 84 -11.80 -5.67 -3.69
C SER A 84 -12.35 -4.26 -3.53
N LEU A 85 -12.64 -3.87 -2.32
CA LEU A 85 -13.28 -2.62 -1.94
C LEU A 85 -12.32 -1.84 -1.02
N ILE A 86 -12.28 -0.51 -1.23
CA ILE A 86 -11.48 0.37 -0.37
C ILE A 86 -12.37 1.14 0.60
N THR A 87 -11.89 1.24 1.84
CA THR A 87 -12.46 2.12 2.83
C THR A 87 -11.32 3.00 3.37
N ARG A 88 -11.67 4.20 3.76
CA ARG A 88 -10.70 5.08 4.40
C ARG A 88 -10.48 4.88 5.90
N ASP A 89 -11.39 4.18 6.57
CA ASP A 89 -11.30 3.86 8.01
C ASP A 89 -11.86 2.44 8.26
N ILE A 90 -10.97 1.47 8.24
CA ILE A 90 -11.37 0.08 8.34
C ILE A 90 -11.83 -0.32 9.74
N ASP A 91 -11.34 0.36 10.77
CA ASP A 91 -11.79 0.08 12.12
C ASP A 91 -13.25 0.52 12.25
N GLU A 92 -13.58 1.67 11.72
CA GLU A 92 -14.97 2.15 11.75
C GLU A 92 -15.87 1.29 10.90
N ALA A 93 -15.39 0.92 9.71
CA ALA A 93 -16.20 0.07 8.80
C ALA A 93 -16.51 -1.26 9.49
N TYR A 94 -15.48 -1.85 10.04
CA TYR A 94 -15.66 -3.12 10.74
C TYR A 94 -16.67 -3.01 11.91
N LYS A 95 -16.52 -1.98 12.74
CA LYS A 95 -17.36 -1.78 13.90
C LYS A 95 -18.82 -1.58 13.43
N THR A 96 -19.02 -0.58 12.54
CA THR A 96 -20.40 -0.24 12.20
C THR A 96 -21.05 -1.33 11.34
N LEU A 97 -20.30 -1.88 10.39
CA LEU A 97 -20.89 -2.98 9.60
C LEU A 97 -21.22 -4.22 10.44
N THR A 98 -20.36 -4.54 11.43
CA THR A 98 -20.67 -5.64 12.35
C THR A 98 -21.99 -5.34 13.12
N GLU A 99 -22.13 -4.13 13.62
CA GLU A 99 -23.37 -3.66 14.33
C GLU A 99 -24.64 -3.84 13.45
N ARG A 100 -24.44 -3.69 12.12
CA ARG A 100 -25.48 -3.72 11.12
C ARG A 100 -25.76 -5.15 10.63
N GLY A 101 -25.01 -6.07 11.19
CA GLY A 101 -25.20 -7.53 10.94
C GLY A 101 -24.38 -8.20 9.86
N VAL A 102 -23.37 -7.48 9.41
CA VAL A 102 -22.49 -8.07 8.37
C VAL A 102 -21.60 -9.10 9.01
N THR A 103 -21.39 -10.14 8.22
CA THR A 103 -20.45 -11.24 8.52
C THR A 103 -19.07 -11.01 8.01
N PHE A 104 -18.14 -10.84 8.93
CA PHE A 104 -16.70 -10.73 8.61
C PHE A 104 -16.01 -12.03 8.97
N THR A 105 -14.91 -12.34 8.29
CA THR A 105 -14.13 -13.52 8.62
C THR A 105 -13.31 -13.38 9.94
N LYS A 106 -12.92 -12.13 10.21
CA LYS A 106 -12.06 -11.79 11.39
C LYS A 106 -11.87 -10.28 11.42
N PRO A 107 -11.31 -9.74 12.50
CA PRO A 107 -11.11 -8.29 12.47
C PRO A 107 -10.02 -7.89 11.46
N PRO A 108 -9.97 -6.61 11.14
CA PRO A 108 -8.86 -6.10 10.31
C PRO A 108 -7.52 -6.52 10.88
N GLU A 109 -6.66 -6.89 9.93
CA GLU A 109 -5.34 -7.35 10.18
C GLU A 109 -4.34 -6.81 9.18
N PRO A 112 0.93 -8.28 4.57
CA PRO A 112 2.41 -8.16 4.48
C PRO A 112 2.89 -7.24 3.39
N TRP A 113 1.95 -6.64 2.69
CA TRP A 113 2.19 -5.39 1.87
C TRP A 113 1.81 -4.03 2.49
N GLY A 114 1.53 -4.02 3.78
CA GLY A 114 1.52 -2.75 4.55
C GLY A 114 0.20 -2.03 4.68
N GLN A 115 -0.91 -2.75 4.40
CA GLN A 115 -2.26 -2.23 4.52
C GLN A 115 -3.07 -3.20 5.34
N ARG A 116 -4.01 -2.67 6.10
CA ARG A 116 -4.90 -3.46 6.88
C ARG A 116 -6.11 -3.85 6.05
N ALA A 117 -6.56 -5.08 6.27
CA ALA A 117 -7.62 -5.67 5.43
C ALA A 117 -8.35 -6.73 6.21
N THR A 118 -9.53 -7.06 5.66
CA THR A 118 -10.28 -8.24 6.08
C THR A 118 -11.24 -8.64 4.97
N TRP A 119 -12.07 -9.60 5.23
CA TRP A 119 -13.09 -10.10 4.27
CA TRP A 119 -13.07 -10.10 4.27
C TRP A 119 -14.45 -10.12 4.88
N PHE A 120 -15.44 -9.82 4.08
CA PHE A 120 -16.82 -9.89 4.49
C PHE A 120 -17.66 -10.45 3.36
N SER A 121 -18.84 -10.88 3.71
CA SER A 121 -19.81 -11.39 2.74
CA SER A 121 -19.79 -11.42 2.74
C SER A 121 -21.15 -10.71 2.81
N ASP A 122 -21.82 -10.78 1.63
CA ASP A 122 -23.20 -10.31 1.52
C ASP A 122 -24.14 -11.48 1.98
N PRO A 123 -25.47 -11.25 1.93
CA PRO A 123 -26.38 -12.32 2.39
C PRO A 123 -26.37 -13.59 1.57
N ASP A 124 -25.98 -13.47 0.32
CA ASP A 124 -25.87 -14.62 -0.60
C ASP A 124 -24.53 -15.34 -0.50
N GLY A 125 -23.66 -14.84 0.37
CA GLY A 125 -22.38 -15.44 0.50
C GLY A 125 -21.30 -14.95 -0.50
N ASN A 126 -21.65 -13.90 -1.23
CA ASN A 126 -20.57 -13.26 -2.06
C ASN A 126 -19.55 -12.58 -1.16
N GLN A 127 -18.30 -12.93 -1.39
CA GLN A 127 -17.19 -12.45 -0.56
CA GLN A 127 -17.17 -12.50 -0.56
C GLN A 127 -16.37 -11.35 -1.24
N PHE A 128 -16.15 -10.33 -0.40
CA PHE A 128 -15.32 -9.15 -0.85
C PHE A 128 -14.11 -9.07 0.07
N PHE A 129 -13.01 -8.55 -0.50
CA PHE A 129 -11.80 -8.17 0.24
C PHE A 129 -11.90 -6.67 0.51
N LEU A 130 -11.83 -6.26 1.78
CA LEU A 130 -11.97 -4.93 2.24
C LEU A 130 -10.60 -4.46 2.71
N VAL A 131 -10.11 -3.37 2.10
CA VAL A 131 -8.77 -2.86 2.34
C VAL A 131 -8.81 -1.39 2.70
N GLU A 132 -8.02 -1.02 3.73
CA GLU A 132 -7.93 0.36 4.14
C GLU A 132 -6.93 1.06 3.20
N GLU A 133 -7.36 2.20 2.75
CA GLU A 133 -6.60 3.03 1.80
C GLU A 133 -5.29 3.44 2.34
N SER B 8 -16.72 8.80 8.13
CA SER B 8 -16.12 8.17 6.91
C SER B 8 -17.18 7.29 6.21
N LEU B 9 -17.10 7.16 4.89
CA LEU B 9 -17.93 6.13 4.18
C LEU B 9 -17.58 4.73 4.62
N ILE B 11 -17.72 2.26 2.59
CA ILE B 11 -17.00 1.84 1.37
C ILE B 11 -16.84 3.06 0.47
N ALA B 12 -15.57 3.35 0.09
CA ALA B 12 -15.22 4.53 -0.71
C ALA B 12 -15.28 4.30 -2.21
N TYR B 13 -14.79 3.16 -2.67
CA TYR B 13 -14.77 2.80 -4.09
C TYR B 13 -14.35 1.35 -4.27
N VAL B 14 -14.68 0.89 -5.47
CA VAL B 14 -14.23 -0.42 -5.93
C VAL B 14 -12.78 -0.38 -6.39
N HIS B 15 -11.90 -1.14 -5.75
CA HIS B 15 -10.48 -1.09 -6.10
C HIS B 15 -10.22 -1.75 -7.41
N SER B 16 -10.81 -2.92 -7.58
CA SER B 16 -10.55 -3.78 -8.69
C SER B 16 -11.57 -4.89 -8.77
N ALA B 17 -11.72 -5.38 -10.00
CA ALA B 17 -12.42 -6.63 -10.34
C ALA B 17 -11.45 -7.53 -11.02
N THR B 18 -11.74 -8.83 -11.04
CA THR B 18 -10.82 -9.85 -11.51
C THR B 18 -11.35 -10.54 -12.75
N ILE B 19 -10.52 -10.75 -13.75
CA ILE B 19 -10.77 -11.70 -14.83
C ILE B 19 -9.78 -12.86 -14.71
N ILE B 20 -10.14 -13.94 -15.41
CA ILE B 20 -9.28 -15.14 -15.45
C ILE B 20 -8.65 -15.23 -16.82
N VAL B 21 -7.33 -15.20 -16.86
CA VAL B 21 -6.58 -15.37 -18.10
C VAL B 21 -5.79 -16.67 -18.05
N SER B 22 -5.27 -17.09 -19.20
CA SER B 22 -4.42 -18.30 -19.25
C SER B 22 -2.93 -18.10 -18.96
N ASP B 23 -2.49 -16.88 -19.28
CA ASP B 23 -1.06 -16.50 -19.22
C ASP B 23 -0.93 -15.03 -18.88
N GLN B 24 -0.44 -14.71 -17.69
CA GLN B 24 -0.41 -13.34 -17.25
C GLN B 24 0.48 -12.44 -18.15
N GLU B 25 1.60 -12.95 -18.62
CA GLU B 25 2.48 -12.10 -19.43
C GLU B 25 1.84 -11.77 -20.78
N LYS B 26 1.16 -12.75 -21.36
CA LYS B 26 0.48 -12.52 -22.65
C LYS B 26 -0.70 -11.60 -22.44
N ALA B 27 -1.42 -11.75 -21.34
CA ALA B 27 -2.56 -10.91 -21.06
C ALA B 27 -2.09 -9.46 -20.85
N LEU B 28 -0.98 -9.25 -20.13
CA LEU B 28 -0.46 -7.89 -19.94
C LEU B 28 -0.19 -7.28 -21.32
N ASP B 29 0.42 -8.07 -22.20
CA ASP B 29 0.67 -7.57 -23.60
C ASP B 29 -0.61 -7.09 -24.28
N PHE B 30 -1.61 -7.92 -24.20
CA PHE B 30 -2.90 -7.53 -24.75
C PHE B 30 -3.51 -6.29 -24.12
N TYR B 31 -3.68 -6.27 -22.82
CA TYR B 31 -4.38 -5.17 -22.18
C TYR B 31 -3.62 -3.86 -22.29
N VAL B 32 -2.31 -3.96 -22.18
CA VAL B 32 -1.44 -2.74 -22.25
C VAL B 32 -1.26 -2.28 -23.71
N ASN B 33 -0.81 -3.17 -24.55
CA ASN B 33 -0.40 -2.79 -25.96
C ASN B 33 -1.51 -2.81 -27.00
N THR B 34 -2.53 -3.65 -26.82
CA THR B 34 -3.68 -3.65 -27.71
C THR B 34 -4.81 -2.72 -27.20
N LEU B 35 -5.20 -2.85 -25.91
CA LEU B 35 -6.32 -2.04 -25.39
C LEU B 35 -5.90 -0.72 -24.80
N GLY B 36 -4.60 -0.49 -24.63
CA GLY B 36 -4.14 0.80 -24.13
C GLY B 36 -4.20 1.02 -22.63
N PHE B 37 -4.39 -0.05 -21.86
CA PHE B 37 -4.40 0.11 -20.37
C PHE B 37 -2.94 0.37 -19.94
N GLU B 38 -2.80 0.75 -18.70
CA GLU B 38 -1.52 0.90 -17.98
C GLU B 38 -1.41 -0.19 -16.92
N LYS B 39 -0.27 -0.82 -16.86
CA LYS B 39 0.06 -1.70 -15.71
C LYS B 39 0.17 -0.92 -14.41
N VAL B 40 -0.44 -1.47 -13.35
CA VAL B 40 -0.31 -0.92 -11.99
C VAL B 40 0.44 -1.94 -11.14
N PHE B 41 -0.29 -2.85 -10.54
CA PHE B 41 0.41 -3.90 -9.76
C PHE B 41 1.11 -4.92 -10.61
N ASP B 42 2.27 -5.35 -10.11
CA ASP B 42 2.96 -6.53 -10.56
C ASP B 42 3.84 -7.00 -9.42
N ASN B 43 3.28 -7.80 -8.52
CA ASN B 43 3.87 -8.07 -7.22
C ASN B 43 3.62 -9.50 -6.78
N GLN B 44 4.72 -10.17 -6.47
CA GLN B 44 4.77 -11.61 -6.16
C GLN B 44 4.52 -11.71 -4.69
N LEU B 45 3.25 -11.67 -4.36
CA LEU B 45 2.71 -11.91 -3.04
C LEU B 45 3.18 -13.26 -2.41
N ASP B 46 3.05 -14.37 -3.10
CA ASP B 46 3.74 -15.61 -2.70
C ASP B 46 4.34 -16.38 -3.91
N PRO B 47 4.99 -17.51 -3.71
CA PRO B 47 5.65 -18.13 -4.89
C PRO B 47 4.65 -18.56 -5.96
N ASN B 48 3.41 -18.64 -5.53
CA ASN B 48 2.27 -19.04 -6.41
C ASN B 48 1.22 -17.93 -6.72
N ARG B 50 1.13 -14.07 -8.27
CA ARG B 50 1.75 -12.86 -8.90
C ARG B 50 0.52 -11.94 -9.16
N PHE B 51 0.37 -10.97 -8.32
CA PHE B 51 -0.74 -10.05 -8.35
C PHE B 51 -0.47 -8.99 -9.38
N VAL B 52 -1.26 -9.05 -10.45
CA VAL B 52 -1.09 -8.20 -11.65
C VAL B 52 -2.34 -7.44 -11.97
N THR B 53 -2.27 -6.12 -12.09
CA THR B 53 -3.45 -5.33 -12.42
C THR B 53 -3.13 -4.31 -13.53
N VAL B 54 -4.18 -3.98 -14.26
CA VAL B 54 -4.17 -2.99 -15.31
C VAL B 54 -5.30 -2.00 -15.12
N VAL B 55 -5.13 -0.76 -15.64
CA VAL B 55 -6.14 0.27 -15.49
C VAL B 55 -6.27 1.09 -16.78
N PRO B 56 -7.45 1.50 -17.14
CA PRO B 56 -7.54 2.47 -18.24
C PRO B 56 -6.86 3.79 -17.77
N PRO B 57 -6.14 4.46 -18.69
CA PRO B 57 -5.36 5.61 -18.26
C PRO B 57 -6.19 6.71 -17.63
N GLY B 58 -5.79 7.10 -16.45
CA GLY B 58 -6.49 8.15 -15.69
C GLY B 58 -7.66 7.68 -14.78
N ALA B 59 -8.05 6.41 -14.93
CA ALA B 59 -9.25 5.86 -14.26
C ALA B 59 -8.90 5.32 -12.87
N GLN B 60 -9.96 5.12 -12.07
CA GLN B 60 -9.78 4.66 -10.69
C GLN B 60 -9.72 3.13 -10.55
N THR B 61 -10.75 2.45 -11.01
CA THR B 61 -10.86 0.98 -10.74
C THR B 61 -10.02 0.21 -11.72
N GLN B 62 -9.30 -0.72 -11.19
CA GLN B 62 -8.43 -1.61 -11.92
C GLN B 62 -9.10 -2.94 -12.27
N VAL B 63 -8.43 -3.64 -13.18
CA VAL B 63 -8.71 -5.04 -13.54
C VAL B 63 -7.53 -5.93 -13.19
N ALA B 64 -7.74 -6.93 -12.31
CA ALA B 64 -6.75 -7.91 -11.95
C ALA B 64 -6.77 -9.00 -12.97
N LEU B 65 -5.59 -9.39 -13.39
CA LEU B 65 -5.38 -10.44 -14.41
C LEU B 65 -5.04 -11.73 -13.64
N GLY B 66 -6.09 -12.42 -13.24
CA GLY B 66 -5.97 -13.61 -12.45
C GLY B 66 -5.77 -14.89 -13.24
N LEU B 67 -5.42 -15.98 -12.57
CA LEU B 67 -5.23 -17.27 -13.18
C LEU B 67 -6.24 -18.25 -12.53
N PRO B 68 -6.50 -19.37 -13.23
CA PRO B 68 -7.28 -20.43 -12.62
C PRO B 68 -6.71 -20.91 -11.30
N SER B 69 -5.39 -20.85 -11.18
CA SER B 69 -4.65 -21.32 -9.96
C SER B 69 -4.93 -20.45 -8.76
N TRP B 70 -5.47 -19.27 -9.01
CA TRP B 70 -5.81 -18.38 -7.89
C TRP B 70 -6.97 -18.90 -7.07
N TYR B 71 -7.75 -19.80 -7.68
CA TYR B 71 -9.05 -20.27 -7.16
C TYR B 71 -9.14 -21.79 -7.03
N GLU B 72 -10.00 -22.28 -6.18
CA GLU B 72 -10.18 -23.72 -5.97
C GLU B 72 -11.48 -24.25 -6.59
N ASP B 73 -12.22 -23.36 -7.18
CA ASP B 73 -13.56 -23.73 -7.72
C ASP B 73 -13.68 -24.06 -9.18
N GLY B 74 -12.54 -24.21 -9.82
CA GLY B 74 -12.54 -24.62 -11.22
C GLY B 74 -12.80 -23.54 -12.24
N ARG B 75 -12.70 -22.28 -11.84
CA ARG B 75 -12.96 -21.17 -12.79
C ARG B 75 -11.82 -21.05 -13.83
N LYS B 76 -12.25 -20.96 -15.06
CA LYS B 76 -11.41 -20.96 -16.28
C LYS B 76 -11.58 -19.67 -17.07
N PRO B 77 -10.63 -19.39 -17.98
CA PRO B 77 -10.82 -18.26 -18.80
C PRO B 77 -11.96 -18.37 -19.78
N GLY B 78 -12.50 -17.24 -20.14
CA GLY B 78 -13.40 -17.13 -21.25
C GLY B 78 -14.89 -17.03 -20.87
N GLY B 79 -15.63 -16.40 -21.73
CA GLY B 79 -17.03 -16.14 -21.52
C GLY B 79 -17.30 -14.72 -21.05
N TYR B 80 -18.55 -14.46 -20.70
CA TYR B 80 -18.96 -13.13 -20.26
C TYR B 80 -18.34 -12.82 -18.91
N THR B 81 -17.63 -11.66 -18.86
CA THR B 81 -16.97 -11.27 -17.65
C THR B 81 -17.89 -10.59 -16.63
N GLY B 82 -18.98 -10.02 -17.13
CA GLY B 82 -19.82 -9.12 -16.34
C GLY B 82 -19.27 -7.70 -16.20
N ILE B 83 -18.19 -7.45 -16.91
CA ILE B 83 -17.48 -6.15 -16.89
C ILE B 83 -17.86 -5.40 -18.16
N SER B 84 -18.33 -4.16 -17.96
CA SER B 84 -18.66 -3.22 -19.05
C SER B 84 -17.62 -2.11 -19.01
N LEU B 85 -17.26 -1.70 -20.22
CA LEU B 85 -16.23 -0.66 -20.44
C LEU B 85 -16.79 0.49 -21.25
N ILE B 86 -16.34 1.68 -20.86
CA ILE B 86 -16.77 2.92 -21.53
C ILE B 86 -15.65 3.42 -22.47
N THR B 87 -16.04 3.84 -23.65
CA THR B 87 -15.18 4.55 -24.60
C THR B 87 -15.91 5.88 -24.97
N ARG B 88 -15.10 6.87 -25.31
CA ARG B 88 -15.62 8.16 -25.78
C ARG B 88 -15.84 8.24 -27.29
N ASP B 89 -15.26 7.28 -28.00
CA ASP B 89 -15.41 7.17 -29.45
C ASP B 89 -15.42 5.69 -29.90
N ILE B 90 -16.60 5.11 -29.98
CA ILE B 90 -16.71 3.67 -30.25
C ILE B 90 -16.34 3.35 -31.70
N ASP B 91 -16.60 4.30 -32.61
CA ASP B 91 -16.29 4.03 -34.02
C ASP B 91 -14.77 3.85 -34.17
N GLU B 92 -14.05 4.78 -33.55
CA GLU B 92 -12.57 4.70 -33.57
C GLU B 92 -12.03 3.49 -32.83
N ALA B 93 -12.63 3.17 -31.68
CA ALA B 93 -12.17 1.99 -30.94
C ALA B 93 -12.40 0.73 -31.80
N TYR B 94 -13.58 0.63 -32.39
CA TYR B 94 -13.92 -0.55 -33.22
C TYR B 94 -12.97 -0.72 -34.37
N LYS B 95 -12.74 0.40 -35.05
CA LYS B 95 -11.79 0.42 -36.21
CA LYS B 95 -11.80 0.40 -36.21
C LYS B 95 -10.37 -0.02 -35.84
N THR B 96 -9.85 0.64 -34.82
CA THR B 96 -8.49 0.35 -34.37
C THR B 96 -8.35 -1.01 -33.81
N LEU B 97 -9.26 -1.37 -32.90
CA LEU B 97 -9.17 -2.69 -32.32
C LEU B 97 -9.31 -3.82 -33.35
N THR B 98 -10.20 -3.61 -34.32
CA THR B 98 -10.34 -4.55 -35.44
C THR B 98 -9.02 -4.72 -36.20
N GLU B 99 -8.38 -3.59 -36.46
CA GLU B 99 -7.04 -3.60 -37.16
C GLU B 99 -6.01 -4.39 -36.35
N ARG B 100 -6.16 -4.33 -35.01
CA ARG B 100 -5.23 -5.01 -34.08
C ARG B 100 -5.63 -6.50 -33.81
N GLY B 101 -6.64 -6.93 -34.52
CA GLY B 101 -7.10 -8.35 -34.57
C GLY B 101 -8.05 -8.82 -33.46
N VAL B 102 -8.68 -7.85 -32.84
CA VAL B 102 -9.70 -8.10 -31.76
C VAL B 102 -10.96 -8.59 -32.43
N THR B 103 -11.53 -9.63 -31.84
CA THR B 103 -12.82 -10.17 -32.19
C THR B 103 -14.00 -9.45 -31.52
N PHE B 104 -14.86 -8.92 -32.37
CA PHE B 104 -16.12 -8.31 -32.00
C PHE B 104 -17.27 -9.19 -32.48
N THR B 105 -18.39 -9.11 -31.74
CA THR B 105 -19.57 -9.87 -32.16
C THR B 105 -20.24 -9.24 -33.38
N LYS B 106 -20.25 -7.93 -33.43
CA LYS B 106 -20.90 -7.10 -34.41
C LYS B 106 -20.33 -5.71 -34.37
N PRO B 107 -20.52 -4.96 -35.44
CA PRO B 107 -20.17 -3.54 -35.36
C PRO B 107 -21.02 -2.82 -34.31
N PRO B 108 -20.58 -1.65 -33.84
CA PRO B 108 -21.37 -0.85 -32.92
C PRO B 108 -22.75 -0.58 -33.49
N GLU B 109 -23.68 -0.69 -32.60
CA GLU B 109 -25.03 -0.36 -32.92
C GLU B 109 -25.79 0.25 -31.81
N PRO B 112 -31.44 -0.03 -27.45
CA PRO B 112 -32.72 0.65 -27.32
C PRO B 112 -32.87 1.52 -26.06
N TRP B 113 -31.85 1.54 -25.28
CA TRP B 113 -31.65 2.57 -24.24
C TRP B 113 -30.82 3.80 -24.62
N GLY B 114 -30.55 3.91 -25.91
CA GLY B 114 -30.05 5.16 -26.57
C GLY B 114 -28.57 5.41 -26.61
N GLN B 115 -27.83 4.37 -26.35
CA GLN B 115 -26.38 4.38 -26.51
C GLN B 115 -25.91 3.33 -27.46
N ARG B 116 -24.82 3.63 -28.15
CA ARG B 116 -24.19 2.71 -29.08
C ARG B 116 -23.23 1.80 -28.34
N ALA B 117 -23.21 0.55 -28.73
CA ALA B 117 -22.42 -0.48 -27.99
C ALA B 117 -22.14 -1.66 -28.89
N THR B 118 -21.22 -2.46 -28.43
CA THR B 118 -20.90 -3.76 -28.98
C THR B 118 -20.21 -4.62 -27.93
N TRP B 119 -19.87 -5.84 -28.31
CA TRP B 119 -19.12 -6.74 -27.47
C TRP B 119 -17.81 -7.12 -28.10
N PHE B 120 -16.75 -7.32 -27.31
CA PHE B 120 -15.51 -7.85 -27.87
C PHE B 120 -14.90 -8.81 -26.86
N SER B 121 -13.95 -9.56 -27.35
CA SER B 121 -13.25 -10.57 -26.56
C SER B 121 -11.74 -10.34 -26.47
N ASP B 122 -11.14 -10.67 -25.33
CA ASP B 122 -9.70 -10.78 -25.26
C ASP B 122 -9.24 -12.13 -25.89
N PRO B 123 -7.94 -12.39 -25.98
CA PRO B 123 -7.48 -13.60 -26.65
C PRO B 123 -8.00 -14.88 -26.01
N ASP B 124 -8.24 -14.85 -24.69
CA ASP B 124 -8.75 -16.02 -23.95
C ASP B 124 -10.25 -16.18 -24.01
N GLY B 125 -10.88 -15.33 -24.78
CA GLY B 125 -12.32 -15.34 -24.93
C GLY B 125 -13.10 -14.57 -23.91
N ASN B 126 -12.48 -13.87 -22.99
CA ASN B 126 -13.19 -13.09 -21.99
C ASN B 126 -13.92 -11.98 -22.71
N GLN B 127 -15.20 -11.82 -22.50
CA GLN B 127 -16.03 -10.90 -23.22
C GLN B 127 -16.43 -9.72 -22.35
N PHE B 128 -16.30 -8.56 -22.99
CA PHE B 128 -16.65 -7.27 -22.43
C PHE B 128 -17.71 -6.54 -23.24
N PHE B 129 -18.60 -5.84 -22.55
CA PHE B 129 -19.52 -4.98 -23.22
C PHE B 129 -18.92 -3.62 -23.30
N LEU B 130 -18.87 -3.07 -24.49
CA LEU B 130 -18.20 -1.75 -24.79
C LEU B 130 -19.28 -0.76 -25.23
N VAL B 131 -19.35 0.33 -24.48
CA VAL B 131 -20.38 1.29 -24.61
C VAL B 131 -19.82 2.70 -24.79
N GLU B 132 -20.38 3.48 -25.71
CA GLU B 132 -19.95 4.83 -25.95
C GLU B 132 -20.61 5.73 -24.92
N GLU B 133 -19.82 6.54 -24.29
CA GLU B 133 -20.23 7.44 -23.24
C GLU B 133 -21.13 8.42 -23.89
N LEU C 9 0.97 19.06 3.14
CA LEU C 9 2.33 18.95 3.82
C LEU C 9 3.32 18.38 2.80
N ILE C 11 6.01 16.67 3.48
CA ILE C 11 6.38 15.40 4.13
C ILE C 11 5.50 15.23 5.40
N ALA C 12 4.76 14.10 5.44
CA ALA C 12 3.82 13.80 6.54
C ALA C 12 4.55 13.14 7.74
N TYR C 13 5.44 12.20 7.48
CA TYR C 13 6.12 11.44 8.56
C TYR C 13 7.24 10.59 7.96
N VAL C 14 8.08 10.14 8.87
CA VAL C 14 9.16 9.16 8.57
C VAL C 14 8.55 7.76 8.58
N HIS C 15 8.56 7.11 7.45
CA HIS C 15 8.00 5.78 7.33
C HIS C 15 8.77 4.75 8.12
N SER C 16 10.07 4.75 7.89
CA SER C 16 11.01 3.75 8.36
C SER C 16 12.42 4.20 8.24
N ALA C 17 13.23 3.62 9.12
CA ALA C 17 14.73 3.61 9.07
C ALA C 17 15.20 2.17 8.85
N THR C 18 16.40 1.97 8.38
CA THR C 18 16.91 0.69 8.01
C THR C 18 18.14 0.32 8.83
N ILE C 19 18.18 -0.94 9.24
CA ILE C 19 19.36 -1.57 9.80
C ILE C 19 19.79 -2.71 8.88
N ILE C 20 21.02 -3.16 9.02
CA ILE C 20 21.59 -4.27 8.25
C ILE C 20 21.78 -5.47 9.17
N VAL C 21 21.07 -6.53 8.79
CA VAL C 21 21.10 -7.83 9.50
C VAL C 21 21.76 -8.90 8.63
N SER C 22 22.16 -10.00 9.20
CA SER C 22 22.80 -11.07 8.40
C SER C 22 21.77 -12.03 7.75
N ASP C 23 20.64 -12.15 8.44
CA ASP C 23 19.61 -13.14 8.13
C ASP C 23 18.26 -12.60 8.49
N GLN C 24 17.40 -12.39 7.48
CA GLN C 24 16.13 -11.67 7.71
C GLN C 24 15.18 -12.47 8.58
N GLU C 25 15.13 -13.75 8.38
CA GLU C 25 14.22 -14.59 9.16
C GLU C 25 14.64 -14.64 10.61
N LYS C 26 15.91 -14.83 10.87
CA LYS C 26 16.45 -14.81 12.24
C LYS C 26 16.21 -13.48 12.91
N ALA C 27 16.48 -12.40 12.19
CA ALA C 27 16.26 -11.05 12.70
C ALA C 27 14.78 -10.81 13.09
N LEU C 28 13.95 -11.23 12.19
CA LEU C 28 12.48 -11.16 12.41
C LEU C 28 12.11 -11.81 13.76
N ASP C 29 12.62 -12.99 13.94
CA ASP C 29 12.37 -13.67 15.20
C ASP C 29 12.89 -12.95 16.44
N PHE C 30 14.08 -12.37 16.32
CA PHE C 30 14.63 -11.60 17.47
C PHE C 30 13.71 -10.38 17.76
N TYR C 31 13.44 -9.58 16.72
CA TYR C 31 12.69 -8.32 16.91
C TYR C 31 11.31 -8.59 17.47
N VAL C 32 10.67 -9.59 16.89
CA VAL C 32 9.28 -9.92 17.26
C VAL C 32 9.22 -10.71 18.61
N ASN C 33 9.95 -11.79 18.71
CA ASN C 33 9.85 -12.63 19.91
C ASN C 33 10.57 -12.13 21.14
N THR C 34 11.73 -11.50 20.91
CA THR C 34 12.53 -11.03 22.06
C THR C 34 12.27 -9.59 22.41
N LEU C 35 12.31 -8.72 21.39
CA LEU C 35 12.07 -7.26 21.66
C LEU C 35 10.62 -6.86 21.76
N GLY C 36 9.74 -7.74 21.28
CA GLY C 36 8.30 -7.45 21.35
C GLY C 36 7.67 -6.56 20.27
N PHE C 37 8.39 -6.43 19.16
CA PHE C 37 7.92 -5.67 18.03
C PHE C 37 6.90 -6.52 17.24
N GLU C 38 6.19 -5.89 16.32
CA GLU C 38 5.30 -6.60 15.40
C GLU C 38 5.83 -6.51 13.99
N LYS C 39 5.71 -7.57 13.23
CA LYS C 39 6.02 -7.54 11.82
C LYS C 39 4.98 -6.73 11.05
N VAL C 40 5.43 -5.95 10.09
CA VAL C 40 4.56 -5.16 9.24
C VAL C 40 4.76 -5.64 7.82
N PHE C 41 5.77 -5.16 7.14
CA PHE C 41 6.05 -5.68 5.79
C PHE C 41 6.80 -7.00 5.75
N ASP C 42 6.41 -7.78 4.75
CA ASP C 42 7.20 -8.92 4.31
C ASP C 42 6.81 -9.25 2.88
N ASN C 43 7.45 -8.52 1.98
CA ASN C 43 7.03 -8.49 0.58
C ASN C 43 8.22 -8.45 -0.38
N GLN C 44 8.18 -9.30 -1.40
CA GLN C 44 9.18 -9.27 -2.51
C GLN C 44 8.81 -8.07 -3.39
N LEU C 45 9.49 -6.95 -3.22
CA LEU C 45 9.34 -5.77 -4.11
C LEU C 45 9.83 -6.04 -5.55
N ASP C 46 10.77 -6.94 -5.59
CA ASP C 46 11.43 -7.44 -6.84
C ASP C 46 12.21 -8.70 -6.42
N PRO C 47 12.85 -9.41 -7.36
CA PRO C 47 13.43 -10.77 -7.09
C PRO C 47 14.58 -10.94 -6.09
N ASN C 48 15.30 -9.84 -5.95
CA ASN C 48 16.45 -9.62 -4.99
C ASN C 48 16.23 -8.78 -3.73
N ARG C 50 13.59 -8.54 -0.65
CA ARG C 50 12.53 -8.96 0.27
C ARG C 50 12.47 -7.84 1.33
N PHE C 51 11.44 -7.01 1.24
CA PHE C 51 11.27 -5.85 2.12
C PHE C 51 10.54 -6.33 3.36
N VAL C 52 11.24 -6.29 4.48
CA VAL C 52 10.75 -6.77 5.79
C VAL C 52 10.87 -5.64 6.78
N THR C 53 9.81 -5.34 7.53
CA THR C 53 9.85 -4.29 8.58
C THR C 53 9.20 -4.80 9.84
N VAL C 54 9.54 -4.18 10.94
CA VAL C 54 8.95 -4.39 12.26
C VAL C 54 8.68 -3.05 12.90
N VAL C 55 7.76 -3.01 13.87
CA VAL C 55 7.36 -1.78 14.52
C VAL C 55 7.09 -2.05 15.99
N PRO C 56 7.35 -1.10 16.86
CA PRO C 56 6.78 -1.26 18.21
C PRO C 56 5.28 -1.18 18.14
N PRO C 57 4.59 -2.12 18.85
CA PRO C 57 3.15 -2.12 18.71
C PRO C 57 2.52 -0.81 19.06
N GLY C 58 1.67 -0.37 18.14
CA GLY C 58 0.97 0.89 18.32
C GLY C 58 1.68 2.14 17.80
N ALA C 59 2.97 1.99 17.45
CA ALA C 59 3.75 3.14 16.97
C ALA C 59 3.71 3.26 15.43
N GLN C 60 4.10 4.41 14.97
CA GLN C 60 4.10 4.73 13.54
C GLN C 60 5.35 4.26 12.75
N THR C 61 6.52 4.79 13.11
CA THR C 61 7.69 4.58 12.29
C THR C 61 8.23 3.16 12.57
N GLN C 62 8.55 2.50 11.48
CA GLN C 62 9.02 1.15 11.41
C GLN C 62 10.55 1.09 11.26
N VAL C 63 11.10 -0.10 11.51
CA VAL C 63 12.50 -0.44 11.29
C VAL C 63 12.56 -1.54 10.20
N ALA C 64 13.21 -1.24 9.11
CA ALA C 64 13.42 -2.20 8.03
C ALA C 64 14.65 -3.05 8.30
N LEU C 65 14.51 -4.34 8.10
CA LEU C 65 15.53 -5.32 8.36
C LEU C 65 16.21 -5.69 7.04
N GLY C 66 17.19 -4.87 6.71
CA GLY C 66 17.89 -4.90 5.41
C GLY C 66 19.02 -5.94 5.41
N LEU C 67 19.56 -6.21 4.23
CA LEU C 67 20.69 -7.13 4.08
C LEU C 67 21.85 -6.38 3.40
N PRO C 68 23.09 -6.88 3.56
CA PRO C 68 24.25 -6.29 2.83
C PRO C 68 23.98 -6.27 1.32
N SER C 69 23.23 -7.29 0.87
CA SER C 69 22.92 -7.41 -0.57
C SER C 69 21.99 -6.34 -1.07
N TRP C 70 21.29 -5.63 -0.19
CA TRP C 70 20.54 -4.41 -0.55
C TRP C 70 21.40 -3.30 -1.09
N TYR C 71 22.69 -3.42 -0.85
CA TYR C 71 23.67 -2.33 -1.15
C TYR C 71 24.86 -2.75 -2.02
N GLU C 72 25.15 -1.90 -2.98
CA GLU C 72 26.33 -2.08 -3.92
C GLU C 72 27.63 -2.07 -3.08
N ASP C 73 27.56 -1.13 -2.16
CA ASP C 73 28.48 -0.91 -1.03
C ASP C 73 28.88 -2.23 -0.38
N GLY C 74 27.89 -3.12 -0.32
CA GLY C 74 28.03 -4.50 0.28
C GLY C 74 28.16 -4.47 1.84
N ARG C 75 27.84 -3.33 2.41
CA ARG C 75 28.08 -2.99 3.83
C ARG C 75 27.68 -4.09 4.77
N LYS C 76 28.39 -4.21 5.86
CA LYS C 76 28.21 -5.36 6.77
C LYS C 76 27.17 -5.08 7.91
N PRO C 77 26.57 -6.11 8.52
CA PRO C 77 25.72 -5.89 9.65
C PRO C 77 26.51 -5.35 10.85
N GLY C 78 25.80 -4.68 11.74
CA GLY C 78 26.36 -4.29 13.01
C GLY C 78 26.80 -2.85 13.10
N GLY C 79 27.07 -2.41 14.30
CA GLY C 79 27.53 -1.07 14.53
C GLY C 79 26.51 -0.15 15.15
N TYR C 80 26.88 1.09 15.47
CA TYR C 80 25.93 2.05 16.05
C TYR C 80 24.97 2.44 14.94
N THR C 81 23.69 2.25 15.14
CA THR C 81 22.71 2.48 14.12
C THR C 81 22.28 3.91 14.01
N GLY C 82 22.49 4.70 15.03
CA GLY C 82 21.90 6.05 15.08
C GLY C 82 20.45 6.09 15.44
N ILE C 83 19.89 4.92 15.80
CA ILE C 83 18.49 4.83 16.19
C ILE C 83 18.34 4.81 17.73
N SER C 84 17.46 5.67 18.19
CA SER C 84 17.14 5.77 19.61
C SER C 84 15.71 5.21 19.74
N LEU C 85 15.53 4.48 20.81
CA LEU C 85 14.25 3.84 21.17
C LEU C 85 13.84 4.35 22.57
N ILE C 86 12.54 4.56 22.74
CA ILE C 86 11.97 5.00 24.02
C ILE C 86 11.33 3.84 24.74
N THR C 87 11.60 3.77 26.03
CA THR C 87 10.88 2.90 26.94
C THR C 87 10.23 3.70 28.05
N ARG C 88 9.14 3.15 28.64
CA ARG C 88 8.52 3.79 29.81
C ARG C 88 8.99 3.21 31.15
N ASP C 89 9.80 2.18 31.07
CA ASP C 89 10.35 1.52 32.26
CA ASP C 89 10.40 1.60 32.27
C ASP C 89 11.67 0.87 31.95
N ILE C 90 12.74 1.62 32.03
CA ILE C 90 14.01 1.08 31.64
C ILE C 90 14.53 -0.01 32.54
N ASP C 91 14.23 0.05 33.85
CA ASP C 91 14.76 -1.01 34.72
C ASP C 91 14.14 -2.36 34.32
N GLU C 92 12.88 -2.33 34.02
CA GLU C 92 12.17 -3.56 33.63
C GLU C 92 12.62 -4.05 32.22
N ALA C 93 12.82 -3.11 31.28
CA ALA C 93 13.25 -3.46 29.94
C ALA C 93 14.65 -4.11 30.10
N TYR C 94 15.52 -3.47 30.91
CA TYR C 94 16.84 -4.05 31.11
C TYR C 94 16.85 -5.49 31.71
N LYS C 95 16.01 -5.64 32.72
CA LYS C 95 15.87 -6.94 33.40
C LYS C 95 15.38 -8.00 32.44
N THR C 96 14.32 -7.68 31.72
CA THR C 96 13.66 -8.65 30.80
C THR C 96 14.57 -9.00 29.64
N LEU C 97 15.19 -8.00 29.03
CA LEU C 97 16.07 -8.28 27.91
C LEU C 97 17.34 -9.04 28.29
N THR C 98 17.93 -8.67 29.44
CA THR C 98 19.04 -9.42 29.95
C THR C 98 18.72 -10.91 30.13
N GLU C 99 17.56 -11.16 30.70
CA GLU C 99 17.09 -12.53 30.92
C GLU C 99 16.98 -13.32 29.58
N ARG C 100 16.61 -12.55 28.56
CA ARG C 100 16.46 -13.07 27.16
C ARG C 100 17.72 -13.10 26.33
N GLY C 101 18.81 -12.83 26.99
CA GLY C 101 20.11 -12.97 26.34
C GLY C 101 20.66 -11.79 25.61
N VAL C 102 20.03 -10.66 25.77
CA VAL C 102 20.44 -9.44 25.05
C VAL C 102 21.63 -8.78 25.77
N THR C 103 22.59 -8.37 24.96
CA THR C 103 23.82 -7.74 25.44
C THR C 103 23.62 -6.25 25.55
N PHE C 104 23.92 -5.74 26.74
CA PHE C 104 23.93 -4.33 27.02
C PHE C 104 25.39 -3.82 27.24
N THR C 105 25.65 -2.56 26.95
CA THR C 105 27.04 -1.98 27.21
C THR C 105 27.30 -1.77 28.73
N LYS C 106 26.22 -1.49 29.42
CA LYS C 106 26.21 -1.26 30.87
C LYS C 106 24.77 -1.22 31.36
N PRO C 107 24.53 -1.21 32.69
CA PRO C 107 23.21 -1.03 33.21
C PRO C 107 22.72 0.37 32.97
N PRO C 108 21.38 0.61 33.09
CA PRO C 108 20.84 1.93 32.95
C PRO C 108 21.58 2.88 33.91
N GLU C 109 21.92 4.03 33.34
CA GLU C 109 22.65 5.13 34.03
C GLU C 109 22.03 6.45 33.75
N PRO C 112 23.69 13.06 31.40
CA PRO C 112 23.89 14.38 32.00
C PRO C 112 22.71 15.34 31.83
N TRP C 113 21.85 15.06 30.84
CA TRP C 113 20.64 15.89 30.64
C TRP C 113 19.41 15.42 31.43
N GLY C 114 19.58 14.37 32.23
CA GLY C 114 18.57 13.97 33.25
C GLY C 114 17.55 12.89 32.90
N GLN C 115 17.87 12.12 31.91
CA GLN C 115 17.13 10.87 31.60
C GLN C 115 18.05 9.69 31.80
N ARG C 116 17.46 8.57 32.20
CA ARG C 116 18.17 7.36 32.35
C ARG C 116 18.14 6.63 30.98
N ALA C 117 19.26 6.02 30.72
CA ALA C 117 19.51 5.43 29.40
C ALA C 117 20.61 4.39 29.46
N THR C 118 20.66 3.57 28.42
CA THR C 118 21.74 2.68 28.18
C THR C 118 21.71 2.28 26.66
N TRP C 119 22.52 1.34 26.30
CA TRP C 119 22.70 0.83 24.88
C TRP C 119 22.65 -0.65 24.87
N PHE C 120 22.01 -1.21 23.84
CA PHE C 120 22.02 -2.65 23.71
C PHE C 120 22.13 -3.00 22.22
N SER C 121 22.49 -4.23 21.95
CA SER C 121 22.68 -4.75 20.60
C SER C 121 21.76 -5.92 20.32
N ASP C 122 21.43 -6.00 19.03
CA ASP C 122 20.83 -7.20 18.44
C ASP C 122 21.87 -8.31 18.21
N PRO C 123 21.45 -9.52 17.76
CA PRO C 123 22.45 -10.58 17.54
C PRO C 123 23.55 -10.37 16.51
N ASP C 124 23.31 -9.44 15.62
CA ASP C 124 24.28 -9.05 14.61
C ASP C 124 25.14 -7.84 15.01
N GLY C 125 24.93 -7.34 16.21
CA GLY C 125 25.75 -6.25 16.75
C GLY C 125 25.25 -4.86 16.38
N ASN C 126 24.01 -4.76 15.90
CA ASN C 126 23.39 -3.45 15.69
C ASN C 126 23.02 -2.87 17.04
N GLN C 127 23.57 -1.72 17.32
CA GLN C 127 23.41 -1.03 18.61
C GLN C 127 22.40 0.06 18.58
N PHE C 128 21.53 0.04 19.59
CA PHE C 128 20.50 1.04 19.83
C PHE C 128 20.69 1.77 21.14
N PHE C 129 20.34 3.06 21.12
CA PHE C 129 20.28 3.88 22.34
C PHE C 129 18.85 3.69 22.90
N LEU C 130 18.76 3.30 24.15
CA LEU C 130 17.51 3.04 24.86
C LEU C 130 17.32 4.09 25.97
N VAL C 131 16.27 4.88 25.89
CA VAL C 131 16.09 6.00 26.82
C VAL C 131 14.72 5.94 27.45
N GLU C 132 14.69 6.19 28.77
CA GLU C 132 13.42 6.22 29.46
C GLU C 132 12.82 7.61 29.33
N GLU C 133 11.59 7.67 28.85
CA GLU C 133 10.87 8.90 28.77
C GLU C 133 9.75 8.83 29.75
N ALA D 3 -10.19 -1.26 26.26
CA ALA D 3 -10.14 -0.35 27.49
C ALA D 3 -8.88 -0.61 28.26
N ARG D 5 -6.27 -2.42 26.85
CA ARG D 5 -5.56 -3.09 25.75
C ARG D 5 -4.08 -3.17 26.10
N LYS D 6 -3.49 -4.25 25.65
CA LYS D 6 -2.10 -4.54 25.83
C LYS D 6 -1.32 -3.54 24.96
N GLY D 7 -0.24 -2.98 25.51
CA GLY D 7 0.65 -2.07 24.75
C GLY D 7 1.94 -2.80 24.49
N SER D 8 2.90 -2.10 23.91
CA SER D 8 4.22 -2.70 23.67
C SER D 8 4.86 -2.98 25.04
N LEU D 9 5.50 -4.14 25.13
CA LEU D 9 6.00 -4.58 26.44
C LEU D 9 7.12 -3.66 26.96
N ILE D 11 9.39 -1.37 24.45
CA ILE D 11 9.77 -0.28 23.54
C ILE D 11 8.52 0.41 23.07
N ALA D 12 8.35 1.65 23.42
CA ALA D 12 7.16 2.41 23.12
C ALA D 12 7.16 2.85 21.63
N TYR D 13 8.28 3.40 21.16
CA TYR D 13 8.40 3.96 19.83
C TYR D 13 9.87 4.25 19.52
N VAL D 14 10.09 4.40 18.23
CA VAL D 14 11.39 4.89 17.68
C VAL D 14 11.49 6.41 17.85
N HIS D 15 12.34 6.88 18.72
CA HIS D 15 12.45 8.32 18.97
C HIS D 15 12.98 9.10 17.77
N SER D 16 14.00 8.53 17.20
CA SER D 16 14.76 9.18 16.11
C SER D 16 15.71 8.24 15.40
N ALA D 17 15.99 8.65 14.15
CA ALA D 17 17.11 8.10 13.34
C ALA D 17 18.09 9.24 13.11
N THR D 18 19.31 8.91 12.75
CA THR D 18 20.37 9.95 12.58
C THR D 18 20.86 9.91 11.15
N ILE D 19 21.04 11.10 10.59
CA ILE D 19 21.81 11.26 9.38
C ILE D 19 23.08 12.13 9.67
N ILE D 20 24.04 12.01 8.77
CA ILE D 20 25.29 12.77 8.86
C ILE D 20 25.21 13.93 7.90
N VAL D 21 25.42 15.13 8.42
CA VAL D 21 25.46 16.36 7.62
C VAL D 21 26.81 17.04 7.77
N SER D 22 27.13 17.98 6.90
CA SER D 22 28.44 18.64 6.96
C SER D 22 28.39 19.87 7.84
N ASP D 23 27.24 20.50 7.94
CA ASP D 23 27.07 21.73 8.68
C ASP D 23 25.67 21.77 9.25
N GLN D 24 25.54 21.78 10.55
CA GLN D 24 24.24 21.75 11.16
C GLN D 24 23.35 22.93 10.89
N GLU D 25 23.91 24.14 10.80
CA GLU D 25 23.08 25.27 10.57
C GLU D 25 22.55 25.23 9.15
N LYS D 26 23.38 24.83 8.22
CA LYS D 26 22.95 24.75 6.81
C LYS D 26 21.92 23.64 6.61
N ALA D 27 22.12 22.54 7.29
CA ALA D 27 21.18 21.42 7.26
C ALA D 27 19.85 21.83 7.83
N LEU D 28 19.87 22.48 9.00
CA LEU D 28 18.62 23.04 9.55
C LEU D 28 17.83 23.85 8.55
N ASP D 29 18.52 24.75 7.89
CA ASP D 29 17.87 25.59 6.87
C ASP D 29 17.16 24.73 5.80
N PHE D 30 17.88 23.75 5.32
CA PHE D 30 17.29 22.80 4.31
C PHE D 30 16.07 22.02 4.85
N TYR D 31 16.29 21.32 5.96
CA TYR D 31 15.19 20.50 6.51
C TYR D 31 13.97 21.31 6.97
N VAL D 32 14.21 22.49 7.56
CA VAL D 32 13.11 23.36 8.04
C VAL D 32 12.49 24.17 6.90
N ASN D 33 13.30 24.97 6.25
CA ASN D 33 12.78 25.91 5.26
C ASN D 33 12.46 25.34 3.91
N THR D 34 13.19 24.34 3.49
CA THR D 34 12.96 23.67 2.18
C THR D 34 11.99 22.49 2.32
N LEU D 35 12.27 21.58 3.23
CA LEU D 35 11.38 20.37 3.37
C LEU D 35 10.14 20.56 4.24
N GLY D 36 10.10 21.66 4.97
CA GLY D 36 8.97 21.93 5.84
C GLY D 36 8.90 21.20 7.20
N PHE D 37 10.01 20.63 7.62
CA PHE D 37 10.11 20.03 8.95
C PHE D 37 10.13 21.18 10.01
N GLU D 38 9.91 20.74 11.24
CA GLU D 38 10.01 21.60 12.42
C GLU D 38 11.20 21.19 13.24
N LYS D 39 11.94 22.18 13.71
CA LYS D 39 13.03 21.92 14.65
C LYS D 39 12.39 21.52 16.01
N VAL D 40 12.93 20.47 16.61
CA VAL D 40 12.48 19.99 17.92
C VAL D 40 13.63 20.28 18.88
N PHE D 41 14.62 19.42 18.92
CA PHE D 41 15.81 19.62 19.80
C PHE D 41 16.80 20.55 19.22
N ASP D 42 17.36 21.39 20.09
CA ASP D 42 18.57 22.23 19.78
C ASP D 42 19.18 22.55 21.12
N ASN D 43 19.92 21.56 21.59
CA ASN D 43 20.53 21.54 22.95
C ASN D 43 21.97 21.16 22.90
N GLN D 44 22.77 21.73 23.76
CA GLN D 44 24.13 21.29 23.88
C GLN D 44 24.25 20.13 24.83
N LEU D 45 24.70 18.99 24.34
CA LEU D 45 24.97 17.87 25.21
C LEU D 45 26.28 18.10 25.94
N ASP D 46 27.16 18.84 25.30
CA ASP D 46 28.34 19.42 25.90
C ASP D 46 28.59 20.73 25.13
N PRO D 47 29.47 21.61 25.59
CA PRO D 47 29.66 22.94 24.92
C PRO D 47 30.03 22.84 23.45
N ASN D 48 30.55 21.71 23.06
CA ASN D 48 30.96 21.53 21.67
C ASN D 48 30.18 20.48 20.87
N ARG D 50 26.32 20.08 19.73
CA ARG D 50 24.96 20.56 19.54
C ARG D 50 24.08 19.42 19.03
N PHE D 51 23.11 19.04 19.83
CA PHE D 51 22.16 18.00 19.46
C PHE D 51 20.89 18.62 18.87
N VAL D 52 20.73 18.40 17.57
CA VAL D 52 19.71 19.04 16.81
C VAL D 52 18.85 17.93 16.17
N THR D 53 17.53 18.10 16.24
CA THR D 53 16.63 17.21 15.52
C THR D 53 15.51 18.03 14.87
N VAL D 54 14.99 17.41 13.82
CA VAL D 54 13.85 17.93 13.07
C VAL D 54 12.76 16.84 12.92
N VAL D 55 11.55 17.26 12.64
CA VAL D 55 10.42 16.32 12.53
C VAL D 55 9.41 16.85 11.51
N PRO D 56 8.81 15.96 10.72
CA PRO D 56 7.67 16.42 9.93
C PRO D 56 6.57 16.94 10.85
N PRO D 57 5.86 17.99 10.47
CA PRO D 57 4.93 18.64 11.38
C PRO D 57 3.93 17.65 11.81
N GLY D 58 3.81 17.65 13.12
CA GLY D 58 2.84 16.83 13.86
C GLY D 58 3.14 15.34 14.01
N ALA D 59 4.28 14.93 13.51
CA ALA D 59 4.70 13.52 13.51
C ALA D 59 5.52 13.21 14.75
N GLN D 60 5.72 11.92 15.00
CA GLN D 60 6.42 11.47 16.17
C GLN D 60 7.93 11.31 16.06
N THR D 61 8.33 10.46 15.15
CA THR D 61 9.78 10.13 15.01
C THR D 61 10.56 11.24 14.32
N GLN D 62 11.66 11.61 14.95
CA GLN D 62 12.49 12.70 14.48
C GLN D 62 13.69 12.19 13.72
N VAL D 63 14.40 13.16 13.09
CA VAL D 63 15.70 12.92 12.39
C VAL D 63 16.71 13.81 13.09
N ALA D 64 17.76 13.15 13.59
CA ALA D 64 18.89 13.88 14.25
C ALA D 64 19.89 14.24 13.13
N LEU D 65 20.39 15.47 13.23
CA LEU D 65 21.36 15.98 12.26
C LEU D 65 22.76 15.94 12.89
N GLY D 66 23.45 14.83 12.65
CA GLY D 66 24.75 14.47 13.21
C GLY D 66 25.88 15.03 12.37
N LEU D 67 27.05 15.03 12.95
CA LEU D 67 28.31 15.48 12.29
C LEU D 67 29.33 14.36 12.30
N PRO D 68 30.26 14.35 11.34
CA PRO D 68 31.25 13.28 11.33
C PRO D 68 32.12 13.25 12.60
N SER D 69 32.29 14.43 13.18
CA SER D 69 33.03 14.62 14.46
C SER D 69 32.45 13.87 15.69
N TRP D 70 31.22 13.45 15.54
CA TRP D 70 30.50 12.70 16.56
C TRP D 70 30.99 11.28 16.65
N TYR D 71 31.65 10.79 15.63
CA TYR D 71 31.99 9.39 15.51
C TYR D 71 33.46 9.11 15.39
N GLU D 72 33.88 8.03 15.97
CA GLU D 72 35.28 7.66 15.97
C GLU D 72 35.74 7.36 14.56
N ASP D 73 34.94 6.58 13.83
CA ASP D 73 35.19 6.29 12.42
C ASP D 73 35.29 7.55 11.54
N GLY D 74 34.67 8.62 11.99
CA GLY D 74 34.49 9.95 11.33
C GLY D 74 33.69 9.80 10.02
N ARG D 75 32.71 8.88 10.10
CA ARG D 75 31.75 8.55 9.04
C ARG D 75 31.23 9.79 8.34
N LYS D 76 31.13 9.73 7.02
CA LYS D 76 30.87 10.95 6.20
C LYS D 76 29.38 11.09 5.82
N PRO D 77 28.93 12.29 5.47
CA PRO D 77 27.63 12.41 4.86
C PRO D 77 27.56 11.78 3.49
N GLY D 78 26.33 11.54 3.03
CA GLY D 78 26.12 11.06 1.66
C GLY D 78 25.67 9.62 1.45
N GLY D 79 24.93 9.43 0.37
CA GLY D 79 24.44 8.13 -0.05
C GLY D 79 23.12 7.76 0.59
N TYR D 80 22.81 6.51 0.46
CA TYR D 80 21.54 5.95 0.93
C TYR D 80 21.47 6.07 2.39
N THR D 81 20.44 6.74 2.87
CA THR D 81 20.24 6.89 4.34
C THR D 81 19.50 5.70 4.92
N GLY D 82 18.78 4.97 4.07
CA GLY D 82 17.81 3.92 4.53
C GLY D 82 16.51 4.49 5.08
N ILE D 83 16.30 5.78 4.97
CA ILE D 83 15.13 6.50 5.48
C ILE D 83 14.14 6.74 4.36
N SER D 84 12.92 6.26 4.59
CA SER D 84 11.81 6.49 3.68
C SER D 84 10.84 7.46 4.33
N LEU D 85 10.32 8.35 3.51
CA LEU D 85 9.43 9.46 3.93
C LEU D 85 8.12 9.32 3.19
N ILE D 86 7.02 9.60 3.90
CA ILE D 86 5.68 9.61 3.31
C ILE D 86 5.16 11.02 3.09
N THR D 87 4.53 11.20 1.91
CA THR D 87 3.75 12.38 1.57
C THR D 87 2.35 11.93 1.18
N ARG D 88 1.36 12.79 1.42
CA ARG D 88 0.00 12.50 0.95
C ARG D 88 -0.29 12.99 -0.43
N ASP D 89 0.61 13.78 -1.01
CA ASP D 89 0.40 14.28 -2.43
C ASP D 89 1.78 14.43 -3.06
N ILE D 90 2.24 13.37 -3.70
CA ILE D 90 3.62 13.36 -4.23
C ILE D 90 3.74 14.32 -5.42
N ASP D 91 2.64 14.55 -6.11
CA ASP D 91 2.67 15.49 -7.26
C ASP D 91 2.99 16.90 -6.81
N GLU D 92 2.28 17.30 -5.78
CA GLU D 92 2.49 18.64 -5.22
C GLU D 92 3.85 18.71 -4.54
N ALA D 93 4.22 17.67 -3.81
CA ALA D 93 5.52 17.66 -3.10
C ALA D 93 6.62 17.82 -4.15
N TYR D 94 6.53 17.03 -5.19
CA TYR D 94 7.56 17.02 -6.26
C TYR D 94 7.68 18.42 -6.95
N LYS D 95 6.54 18.96 -7.30
CA LYS D 95 6.51 20.27 -7.99
C LYS D 95 7.16 21.30 -7.12
N THR D 96 6.67 21.40 -5.90
CA THR D 96 7.10 22.45 -4.94
C THR D 96 8.53 22.31 -4.50
N LEU D 97 8.88 21.10 -4.14
CA LEU D 97 10.26 20.85 -3.70
C LEU D 97 11.25 21.13 -4.86
N THR D 98 10.89 20.72 -6.08
CA THR D 98 11.69 21.04 -7.28
C THR D 98 11.90 22.56 -7.40
N GLU D 99 10.81 23.30 -7.24
CA GLU D 99 10.85 24.79 -7.25
C GLU D 99 11.76 25.39 -6.19
N ARG D 100 11.83 24.72 -5.05
CA ARG D 100 12.64 25.20 -3.93
C ARG D 100 14.12 24.88 -4.09
N GLY D 101 14.44 24.03 -5.08
CA GLY D 101 15.82 23.62 -5.36
C GLY D 101 16.22 22.23 -4.90
N VAL D 102 15.24 21.38 -4.58
CA VAL D 102 15.60 20.00 -4.23
C VAL D 102 15.99 19.18 -5.46
N THR D 103 17.05 18.39 -5.29
CA THR D 103 17.56 17.48 -6.32
C THR D 103 16.85 16.12 -6.25
N PHE D 104 15.98 15.92 -7.24
CA PHE D 104 15.36 14.58 -7.46
C PHE D 104 16.09 13.86 -8.52
N THR D 105 16.18 12.57 -8.39
CA THR D 105 16.80 11.80 -9.49
CA THR D 105 16.73 11.66 -9.41
C THR D 105 15.88 11.68 -10.69
N LYS D 106 14.58 11.70 -10.47
CA LYS D 106 13.59 11.63 -11.61
C LYS D 106 12.23 11.88 -11.06
N PRO D 107 11.24 12.13 -11.93
CA PRO D 107 9.89 12.40 -11.44
C PRO D 107 9.23 11.15 -10.86
N PRO D 108 8.16 11.37 -10.09
CA PRO D 108 7.45 10.21 -9.47
C PRO D 108 6.96 9.23 -10.54
N GLU D 109 6.99 7.97 -10.15
CA GLU D 109 6.42 6.95 -11.01
C GLU D 109 5.83 5.83 -10.19
N PRO D 112 5.57 -1.13 -8.74
CA PRO D 112 4.74 -2.32 -9.05
C PRO D 112 4.07 -2.93 -7.80
N TRP D 113 4.28 -2.28 -6.65
CA TRP D 113 3.47 -2.55 -5.49
C TRP D 113 2.28 -1.60 -5.33
N GLY D 114 2.12 -0.62 -6.23
CA GLY D 114 0.86 0.16 -6.26
C GLY D 114 0.88 1.54 -5.65
N GLN D 115 2.07 2.05 -5.44
CA GLN D 115 2.26 3.41 -4.91
C GLN D 115 3.22 4.16 -5.81
N ARG D 116 3.02 5.46 -5.89
CA ARG D 116 3.91 6.36 -6.64
C ARG D 116 5.04 6.83 -5.71
N ALA D 117 6.24 6.91 -6.27
CA ALA D 117 7.44 7.17 -5.46
C ALA D 117 8.55 7.77 -6.32
N THR D 118 9.47 8.39 -5.65
CA THR D 118 10.78 8.79 -6.26
C THR D 118 11.78 8.98 -5.13
N TRP D 119 12.99 9.38 -5.50
CA TRP D 119 14.11 9.62 -4.56
C TRP D 119 14.61 11.01 -4.71
N PHE D 120 15.07 11.59 -3.58
CA PHE D 120 15.76 12.84 -3.63
C PHE D 120 16.90 12.85 -2.68
N SER D 121 17.72 13.92 -2.78
CA SER D 121 18.83 14.08 -1.86
C SER D 121 18.86 15.47 -1.24
N ASP D 122 19.53 15.53 -0.10
CA ASP D 122 19.84 16.80 0.57
C ASP D 122 21.17 17.36 -0.05
N PRO D 123 21.58 18.53 0.45
CA PRO D 123 22.76 19.15 -0.18
C PRO D 123 24.07 18.41 0.11
N ASP D 124 24.08 17.55 1.14
CA ASP D 124 25.21 16.73 1.44
C ASP D 124 25.22 15.35 0.73
N GLY D 125 24.18 15.15 -0.13
CA GLY D 125 24.13 13.89 -0.84
C GLY D 125 23.34 12.79 -0.16
N ASN D 126 22.73 13.09 0.99
CA ASN D 126 21.92 12.12 1.69
C ASN D 126 20.65 11.86 0.92
N GLN D 127 20.43 10.58 0.60
CA GLN D 127 19.32 10.14 -0.30
C GLN D 127 18.19 9.53 0.54
N PHE D 128 17.00 9.98 0.21
CA PHE D 128 15.72 9.55 0.81
C PHE D 128 14.78 9.04 -0.24
N PHE D 129 14.01 8.01 0.17
CA PHE D 129 12.90 7.50 -0.66
C PHE D 129 11.63 8.22 -0.23
N LEU D 130 10.91 8.77 -1.22
CA LEU D 130 9.71 9.55 -1.02
C LEU D 130 8.54 8.79 -1.68
N VAL D 131 7.55 8.46 -0.85
CA VAL D 131 6.47 7.60 -1.27
C VAL D 131 5.12 8.22 -0.90
N GLU D 132 4.19 8.16 -1.87
CA GLU D 132 2.81 8.68 -1.64
C GLU D 132 1.99 7.66 -0.84
N GLU D 133 1.43 8.12 0.26
CA GLU D 133 0.53 7.32 1.12
C GLU D 133 -0.61 6.89 0.27
#